data_7H67
#
_entry.id   7H67
#
_cell.length_a   73.800
_cell.length_b   73.800
_cell.length_c   48.850
_cell.angle_alpha   90.00
_cell.angle_beta   90.00
_cell.angle_gamma   90.00
#
_symmetry.space_group_name_H-M   'P 43'
#
loop_
_entity.id
_entity.type
_entity.pdbx_description
1 polymer Chymase
2 non-polymer 'ZINC ION'
3 non-polymer (4S)-2-[(R)-(3,5-dimethyl-1-benzothiophen-2-yl)(phenyl)methyl]-3-hydroxy-4-methyl-4-phenylcyclobut-2-en-1-one
4 water water
#
_entity_poly.entity_id   1
_entity_poly.type   'polypeptide(L)'
_entity_poly.pdbx_seq_one_letter_code
;IIGGTESKPHSRPYMAYLEIVTSNGPSKFCGGFLIRRNFVLTAAHCAGRSITVTLGAHNITEEEDTWQKLEVIKQFRHPK
YNTSTLHHDIMLLKLKEKASLTLAVGTLPFPSQKNFVPPGRMCRVAGWGRTGVLKPGSDTLQEVKLRLMDPQACSHFRDF
DHNLQLCVGNPRKTKSAFKGDSGGPLLCAGVAQGIVSYGRSDAKPPAVFTRISHYRPWINQILQAN
;
_entity_poly.pdbx_strand_id   A
#
loop_
_chem_comp.id
_chem_comp.type
_chem_comp.name
_chem_comp.formula
A1AO3 non-polymer (4S)-2-[(R)-(3,5-dimethyl-1-benzothiophen-2-yl)(phenyl)methyl]-3-hydroxy-4-methyl-4-phenylcyclobut-2-en-1-one 'C28 H24 O2 S'
ZN non-polymer 'ZINC ION' 'Zn 2'
#
# COMPACT_ATOMS: atom_id res chain seq x y z
N ILE A 1 4.90 -8.58 5.19
CA ILE A 1 3.67 -9.34 5.65
C ILE A 1 4.10 -10.40 6.64
N ILE A 2 3.52 -10.36 7.84
CA ILE A 2 3.82 -11.36 8.88
C ILE A 2 2.69 -12.36 8.95
N GLY A 3 3.06 -13.64 8.92
CA GLY A 3 2.08 -14.70 9.17
C GLY A 3 1.20 -14.99 7.96
N GLY A 4 1.66 -14.57 6.78
CA GLY A 4 0.91 -14.81 5.54
C GLY A 4 1.40 -16.01 4.76
N THR A 5 0.97 -16.06 3.50
CA THR A 5 1.29 -17.13 2.58
C THR A 5 1.85 -16.51 1.31
N GLU A 6 2.65 -17.25 0.55
CA GLU A 6 3.08 -16.74 -0.74
C GLU A 6 1.87 -16.58 -1.68
N SER A 7 1.75 -15.43 -2.34
CA SER A 7 0.70 -15.26 -3.34
C SER A 7 0.91 -16.21 -4.53
N LYS A 8 -0.19 -16.64 -5.15
CA LYS A 8 -0.09 -17.26 -6.46
C LYS A 8 0.59 -16.24 -7.38
N PRO A 9 1.66 -16.63 -8.09
CA PRO A 9 2.38 -15.63 -8.89
C PRO A 9 1.49 -14.89 -9.88
N HIS A 10 1.55 -13.56 -9.84
CA HIS A 10 0.86 -12.67 -10.79
C HIS A 10 -0.64 -12.65 -10.60
N SER A 11 -1.12 -13.16 -9.44
CA SER A 11 -2.54 -13.19 -9.16
C SER A 11 -3.09 -11.87 -8.66
N ARG A 12 -2.21 -10.89 -8.39
CA ARG A 12 -2.60 -9.54 -7.95
C ARG A 12 -1.89 -8.55 -8.88
N PRO A 13 -2.35 -8.49 -10.14
CA PRO A 13 -1.57 -7.82 -11.19
C PRO A 13 -1.47 -6.30 -11.07
N TYR A 14 -2.22 -5.71 -10.15
CA TYR A 14 -2.15 -4.29 -9.85
C TYR A 14 -1.02 -3.95 -8.85
N MET A 15 -0.38 -4.95 -8.25
CA MET A 15 0.60 -4.65 -7.20
C MET A 15 1.86 -3.98 -7.75
N ALA A 16 2.32 -2.97 -7.03
CA ALA A 16 3.50 -2.22 -7.41
C ALA A 16 4.55 -2.34 -6.31
N TYR A 17 5.79 -2.63 -6.70
CA TYR A 17 6.95 -2.66 -5.80
C TYR A 17 7.71 -1.35 -5.98
N LEU A 18 7.82 -0.57 -4.92
CA LEU A 18 8.43 0.78 -4.98
C LEU A 18 9.77 0.83 -4.29
N GLU A 19 10.75 1.42 -4.97
CA GLU A 19 12.05 1.72 -4.37
C GLU A 19 12.11 3.23 -4.20
N ILE A 20 12.34 3.63 -2.95
CA ILE A 20 12.24 5.03 -2.53
C ILE A 20 13.67 5.52 -2.35
N VAL A 21 14.04 6.53 -3.13
CA VAL A 21 15.41 7.00 -3.15
C VAL A 21 15.46 8.36 -2.48
N THR A 22 16.44 8.51 -1.59
CA THR A 22 16.70 9.80 -0.94
C THR A 22 18.17 10.13 -1.06
N SER A 23 18.51 11.40 -0.86
CA SER A 23 19.85 11.85 -1.18
C SER A 23 20.91 11.45 -0.15
N ASN A 24 20.47 11.12 1.07
CA ASN A 24 21.37 10.92 2.20
C ASN A 24 21.33 9.55 2.89
N GLY A 25 20.62 8.58 2.32
CA GLY A 25 20.62 7.24 2.86
C GLY A 25 20.32 6.26 1.74
N PRO A 26 20.45 4.94 2.05
CA PRO A 26 20.18 3.92 1.05
C PRO A 26 18.70 3.80 0.76
N SER A 27 18.40 3.06 -0.29
CA SER A 27 17.01 2.84 -0.71
C SER A 27 16.14 2.26 0.39
N LYS A 28 14.89 2.70 0.43
CA LYS A 28 13.85 2.05 1.25
C LYS A 28 12.77 1.54 0.30
N PHE A 29 11.84 0.76 0.82
CA PHE A 29 10.89 0.04 -0.03
C PHE A 29 9.48 0.13 0.47
N CYS A 30 8.54 0.20 -0.45
CA CYS A 30 7.10 0.35 -0.18
C CYS A 30 6.36 -0.50 -1.20
N GLY A 31 5.08 -0.69 -0.95
CA GLY A 31 4.16 -1.17 -1.97
C GLY A 31 3.30 -0.05 -2.50
N GLY A 32 2.31 -0.43 -3.28
CA GLY A 32 1.37 0.51 -3.91
C GLY A 32 0.56 -0.30 -4.89
N PHE A 33 -0.36 0.37 -5.59
CA PHE A 33 -1.13 -0.35 -6.59
C PHE A 33 -1.52 0.55 -7.74
N LEU A 34 -1.60 -0.07 -8.91
CA LEU A 34 -1.89 0.63 -10.15
C LEU A 34 -3.38 0.89 -10.26
N ILE A 35 -3.79 2.16 -10.24
CA ILE A 35 -5.22 2.50 -10.33
C ILE A 35 -5.62 3.03 -11.69
N ARG A 36 -4.65 3.53 -12.46
CA ARG A 36 -4.81 3.86 -13.88
C ARG A 36 -3.55 3.41 -14.57
N ARG A 37 -3.51 3.33 -15.90
CA ARG A 37 -2.31 2.81 -16.52
C ARG A 37 -1.08 3.68 -16.24
N ASN A 38 -1.29 4.96 -15.93
CA ASN A 38 -0.15 5.83 -15.55
C ASN A 38 -0.22 6.40 -14.14
N PHE A 39 -0.95 5.75 -13.22
CA PHE A 39 -0.96 6.23 -11.82
C PHE A 39 -0.93 5.07 -10.85
N VAL A 40 -0.06 5.22 -9.86
CA VAL A 40 0.03 4.29 -8.73
C VAL A 40 -0.38 5.00 -7.46
N LEU A 41 -1.21 4.34 -6.65
CA LEU A 41 -1.61 4.87 -5.35
C LEU A 41 -0.75 4.23 -4.27
N THR A 42 -0.26 5.04 -3.33
CA THR A 42 0.58 4.54 -2.25
C THR A 42 0.44 5.47 -1.04
N ALA A 43 1.27 5.26 -0.04
CA ALA A 43 1.30 6.11 1.18
C ALA A 43 2.18 7.36 0.96
N ALA A 44 1.78 8.50 1.54
CA ALA A 44 2.60 9.73 1.51
C ALA A 44 3.90 9.60 2.23
N HIS A 45 4.01 8.77 3.27
CA HIS A 45 5.27 8.70 3.99
C HIS A 45 6.33 7.99 3.13
N CYS A 46 5.92 7.44 1.99
CA CYS A 46 6.85 6.79 1.05
C CYS A 46 7.46 7.77 0.04
N ALA A 47 7.12 9.06 0.17
CA ALA A 47 7.67 10.04 -0.77
C ALA A 47 9.19 10.11 -0.66
N GLY A 48 9.85 10.46 -1.75
CA GLY A 48 11.30 10.56 -1.71
C GLY A 48 11.77 11.54 -2.74
N ARG A 49 13.09 11.59 -2.91
CA ARG A 49 13.64 12.42 -3.97
C ARG A 49 13.26 11.85 -5.33
N SER A 50 13.30 10.52 -5.45
CA SER A 50 12.82 9.87 -6.68
C SER A 50 12.29 8.51 -6.27
N ILE A 51 11.43 7.94 -7.12
CA ILE A 51 10.85 6.63 -6.83
C ILE A 51 10.88 5.82 -8.11
N THR A 52 11.21 4.53 -8.00
CA THR A 52 11.04 3.66 -9.17
C THR A 52 9.95 2.65 -8.87
N VAL A 53 9.16 2.31 -9.88
CA VAL A 53 8.05 1.39 -9.75
C VAL A 53 8.35 0.15 -10.58
N THR A 54 8.20 -1.03 -9.98
CA THR A 54 8.25 -2.29 -10.75
C THR A 54 6.87 -2.93 -10.69
N LEU A 55 6.27 -3.13 -11.86
CA LEU A 55 5.01 -3.85 -12.01
C LEU A 55 5.30 -5.23 -12.55
N GLY A 56 4.37 -6.15 -12.32
CA GLY A 56 4.48 -7.49 -12.93
C GLY A 56 5.39 -8.41 -12.18
N ALA A 57 5.73 -8.09 -10.94
CA ALA A 57 6.67 -8.93 -10.21
C ALA A 57 6.02 -9.97 -9.34
N HIS A 58 6.77 -11.05 -9.13
CA HIS A 58 6.43 -11.99 -8.08
C HIS A 58 7.63 -12.18 -7.19
N ASN A 59 8.66 -12.86 -7.67
CA ASN A 59 9.94 -12.87 -6.98
C ASN A 59 10.73 -11.67 -7.47
N ILE A 60 10.90 -10.67 -6.60
CA ILE A 60 11.50 -9.38 -6.98
C ILE A 60 13.00 -9.48 -7.19
N THR A 61 13.59 -10.63 -6.86
CA THR A 61 15.03 -10.79 -7.08
C THR A 61 15.34 -11.40 -8.44
N GLU A 62 14.33 -11.82 -9.19
CA GLU A 62 14.56 -12.55 -10.45
C GLU A 62 13.85 -11.84 -11.58
N GLU A 63 14.62 -11.14 -12.41
N GLU A 63 14.60 -11.10 -12.41
CA GLU A 63 14.10 -10.49 -13.60
CA GLU A 63 14.03 -10.36 -13.54
C GLU A 63 13.30 -11.47 -14.45
C GLU A 63 13.41 -11.30 -14.56
N GLU A 64 12.18 -10.99 -14.98
CA GLU A 64 11.42 -11.81 -15.94
C GLU A 64 10.68 -10.92 -16.90
N ASP A 65 10.16 -11.52 -17.98
CA ASP A 65 9.49 -10.74 -19.01
C ASP A 65 8.26 -9.98 -18.51
N THR A 66 7.58 -10.46 -17.48
CA THR A 66 6.43 -9.76 -16.95
C THR A 66 6.81 -8.42 -16.29
N TRP A 67 8.08 -8.24 -15.91
CA TRP A 67 8.44 -6.98 -15.22
C TRP A 67 8.23 -5.80 -16.14
N GLN A 68 7.68 -4.72 -15.60
CA GLN A 68 7.72 -3.41 -16.23
C GLN A 68 8.31 -2.45 -15.19
N LYS A 69 9.51 -1.97 -15.45
CA LYS A 69 10.16 -1.00 -14.57
C LYS A 69 9.81 0.36 -15.13
N LEU A 70 9.07 1.15 -14.39
CA LEU A 70 8.53 2.41 -14.90
C LEU A 70 8.99 3.59 -14.08
N GLU A 71 9.38 4.63 -14.79
CA GLU A 71 9.78 5.88 -14.19
C GLU A 71 8.59 6.66 -13.66
N VAL A 72 8.77 7.25 -12.48
CA VAL A 72 7.80 8.18 -11.91
C VAL A 72 8.20 9.61 -12.30
N ILE A 73 7.29 10.35 -12.93
N ILE A 73 7.28 10.31 -12.97
CA ILE A 73 7.63 11.73 -13.29
CA ILE A 73 7.50 11.69 -13.38
C ILE A 73 7.19 12.77 -12.28
C ILE A 73 7.28 12.66 -12.21
N LYS A 74 6.20 12.44 -11.45
CA LYS A 74 5.76 13.38 -10.42
C LYS A 74 5.09 12.63 -9.28
N GLN A 75 5.36 13.11 -8.08
CA GLN A 75 4.71 12.63 -6.86
C GLN A 75 3.67 13.65 -6.41
N PHE A 76 2.45 13.20 -6.15
CA PHE A 76 1.39 14.05 -5.63
C PHE A 76 1.03 13.60 -4.20
N ARG A 77 1.71 14.15 -3.21
N ARG A 77 1.74 14.15 -3.20
CA ARG A 77 1.46 13.79 -1.82
CA ARG A 77 1.40 13.90 -1.81
C ARG A 77 0.26 14.61 -1.33
C ARG A 77 0.09 14.59 -1.48
N HIS A 78 -0.67 14.00 -0.58
CA HIS A 78 -1.86 14.69 -0.13
C HIS A 78 -1.44 16.03 0.53
N PRO A 79 -2.10 17.15 0.13
CA PRO A 79 -1.64 18.45 0.62
C PRO A 79 -1.77 18.64 2.13
N LYS A 80 -2.58 17.81 2.79
CA LYS A 80 -2.77 17.93 4.25
C LYS A 80 -1.98 16.88 5.02
N TYR A 81 -1.18 16.06 4.33
CA TYR A 81 -0.40 15.04 5.01
C TYR A 81 0.40 15.68 6.13
N ASN A 82 0.36 15.04 7.30
CA ASN A 82 0.96 15.58 8.51
C ASN A 82 1.95 14.56 9.06
N THR A 83 3.22 14.93 9.10
CA THR A 83 4.28 14.01 9.53
C THR A 83 4.25 13.64 11.00
N SER A 84 3.53 14.42 11.81
CA SER A 84 3.39 14.15 13.24
C SER A 84 2.21 13.24 13.56
N THR A 85 1.04 13.53 12.99
CA THR A 85 -0.15 12.73 13.29
C THR A 85 -0.31 11.56 12.32
N LEU A 86 0.36 11.66 11.16
CA LEU A 86 0.23 10.72 10.02
C LEU A 86 -1.16 10.74 9.38
N HIS A 87 -1.97 11.75 9.67
CA HIS A 87 -3.23 11.90 8.97
C HIS A 87 -2.97 12.19 7.48
N HIS A 88 -3.85 11.66 6.66
CA HIS A 88 -3.85 11.89 5.20
C HIS A 88 -2.60 11.28 4.55
N ASP A 89 -2.26 10.06 4.96
CA ASP A 89 -1.09 9.35 4.47
C ASP A 89 -1.40 8.68 3.15
N ILE A 90 -1.44 9.48 2.10
CA ILE A 90 -1.84 9.00 0.78
C ILE A 90 -1.14 9.82 -0.28
N MET A 91 -0.74 9.16 -1.37
CA MET A 91 0.03 9.82 -2.43
C MET A 91 -0.27 9.14 -3.75
N LEU A 92 -0.33 9.95 -4.81
CA LEU A 92 -0.42 9.43 -6.18
C LEU A 92 0.90 9.61 -6.89
N LEU A 93 1.32 8.59 -7.63
CA LEU A 93 2.54 8.68 -8.44
C LEU A 93 2.14 8.64 -9.89
N LYS A 94 2.52 9.68 -10.65
CA LYS A 94 2.26 9.69 -12.08
C LYS A 94 3.45 9.05 -12.79
N LEU A 95 3.18 8.06 -13.63
CA LEU A 95 4.21 7.36 -14.39
C LEU A 95 4.51 8.09 -15.70
N LYS A 96 5.76 8.00 -16.14
N LYS A 96 5.74 7.99 -16.16
CA LYS A 96 6.19 8.65 -17.38
CA LYS A 96 6.15 8.70 -17.38
C LYS A 96 5.32 8.22 -18.54
C LYS A 96 5.41 8.20 -18.62
N GLU A 97 5.09 6.91 -18.64
CA GLU A 97 4.26 6.36 -19.71
C GLU A 97 3.23 5.43 -19.12
N LYS A 98 2.22 5.12 -19.92
CA LYS A 98 1.20 4.20 -19.48
C LYS A 98 1.77 2.79 -19.50
N ALA A 99 1.53 2.01 -18.45
CA ALA A 99 1.93 0.63 -18.39
C ALA A 99 1.29 -0.17 -19.50
N SER A 100 1.93 -1.28 -19.88
CA SER A 100 1.30 -2.23 -20.81
C SER A 100 0.37 -3.10 -20.01
N LEU A 101 -0.80 -3.40 -20.59
CA LEU A 101 -1.70 -4.36 -20.01
C LEU A 101 -1.29 -5.75 -20.42
N THR A 102 -1.04 -6.61 -19.44
CA THR A 102 -0.67 -7.99 -19.71
C THR A 102 -1.40 -8.86 -18.71
N LEU A 103 -1.29 -10.18 -18.82
CA LEU A 103 -1.91 -11.01 -17.79
C LEU A 103 -1.38 -10.61 -16.38
N ALA A 104 -0.09 -10.26 -16.31
CA ALA A 104 0.57 -9.95 -15.04
C ALA A 104 0.45 -8.50 -14.56
N VAL A 105 -0.05 -7.59 -15.42
CA VAL A 105 -0.12 -6.17 -15.07
C VAL A 105 -1.45 -5.62 -15.52
N GLY A 106 -2.22 -5.07 -14.57
CA GLY A 106 -3.48 -4.44 -14.88
C GLY A 106 -3.89 -3.52 -13.75
N THR A 107 -4.91 -2.70 -13.98
CA THR A 107 -5.29 -1.70 -13.01
C THR A 107 -6.36 -2.23 -12.05
N LEU A 108 -6.46 -1.56 -10.91
CA LEU A 108 -7.50 -1.80 -9.90
C LEU A 108 -8.15 -0.46 -9.48
N PRO A 109 -9.11 0.02 -10.25
CA PRO A 109 -9.85 1.17 -9.74
C PRO A 109 -10.76 0.77 -8.58
N PHE A 110 -11.22 1.75 -7.80
CA PHE A 110 -12.20 1.46 -6.75
C PHE A 110 -13.32 2.50 -6.83
N PRO A 111 -14.56 2.08 -6.56
CA PRO A 111 -15.72 2.97 -6.75
C PRO A 111 -16.05 3.82 -5.53
N SER A 112 -17.03 4.71 -5.69
CA SER A 112 -17.62 5.41 -4.55
C SER A 112 -18.47 4.42 -3.75
N PHE A 116 -19.35 2.16 5.05
CA PHE A 116 -18.14 1.54 5.52
C PHE A 116 -18.38 0.04 5.53
N VAL A 117 -17.39 -0.75 5.14
CA VAL A 117 -17.45 -2.20 5.36
C VAL A 117 -17.50 -2.41 6.89
N PRO A 118 -18.42 -3.24 7.38
CA PRO A 118 -18.54 -3.40 8.83
C PRO A 118 -17.38 -4.18 9.46
N PRO A 119 -17.07 -3.89 10.73
CA PRO A 119 -16.04 -4.68 11.39
C PRO A 119 -16.42 -6.13 11.51
N GLY A 120 -15.43 -6.99 11.61
CA GLY A 120 -15.66 -8.41 11.71
C GLY A 120 -15.44 -9.04 10.37
N ARG A 121 -15.48 -8.24 9.30
CA ARG A 121 -15.23 -8.78 7.97
C ARG A 121 -13.76 -9.06 7.83
N MET A 122 -13.44 -10.04 7.01
CA MET A 122 -12.07 -10.39 6.71
C MET A 122 -11.67 -9.75 5.38
N CYS A 123 -10.44 -9.28 5.34
CA CYS A 123 -9.92 -8.59 4.17
C CYS A 123 -8.53 -9.15 3.92
N ARG A 124 -7.96 -8.83 2.76
CA ARG A 124 -6.65 -9.36 2.40
C ARG A 124 -5.72 -8.24 2.03
N VAL A 125 -4.47 -8.36 2.45
CA VAL A 125 -3.42 -7.39 2.08
C VAL A 125 -2.21 -8.17 1.60
N ALA A 126 -1.50 -7.59 0.63
CA ALA A 126 -0.32 -8.22 0.05
C ALA A 126 0.86 -7.26 0.06
N GLY A 127 2.06 -7.83 0.03
CA GLY A 127 3.24 -7.00 -0.03
C GLY A 127 4.52 -7.82 -0.01
N TRP A 128 5.62 -7.12 -0.21
CA TRP A 128 6.96 -7.69 -0.18
C TRP A 128 7.72 -7.28 1.08
N GLY A 129 7.00 -6.79 2.09
CA GLY A 129 7.64 -6.29 3.30
C GLY A 129 8.20 -7.37 4.18
N ARG A 130 8.75 -6.91 5.31
CA ARG A 130 9.39 -7.79 6.27
C ARG A 130 8.41 -8.81 6.80
N THR A 131 8.91 -10.02 7.05
CA THR A 131 8.09 -11.13 7.51
C THR A 131 8.23 -11.34 9.04
N GLY A 132 8.91 -10.42 9.70
CA GLY A 132 9.06 -10.46 11.15
C GLY A 132 9.87 -9.26 11.55
N VAL A 133 9.89 -8.95 12.85
CA VAL A 133 10.66 -7.81 13.35
C VAL A 133 12.13 -7.90 12.92
N LEU A 134 12.71 -9.08 13.05
CA LEU A 134 14.14 -9.16 12.76
C LEU A 134 14.43 -9.80 11.41
N LYS A 135 13.52 -9.62 10.45
CA LYS A 135 13.61 -10.33 9.18
C LYS A 135 13.62 -9.36 8.01
N PRO A 136 14.30 -9.69 6.92
CA PRO A 136 14.27 -8.83 5.75
C PRO A 136 12.93 -8.94 5.03
N GLY A 137 12.72 -8.03 4.09
CA GLY A 137 11.60 -8.13 3.19
C GLY A 137 11.59 -9.46 2.45
N SER A 138 10.40 -9.92 2.13
CA SER A 138 10.21 -11.15 1.37
C SER A 138 10.63 -10.99 -0.06
N ASP A 139 11.34 -11.98 -0.60
CA ASP A 139 11.65 -11.97 -2.02
C ASP A 139 10.41 -12.13 -2.88
N THR A 140 9.43 -12.89 -2.38
CA THR A 140 8.20 -13.17 -3.09
C THR A 140 7.01 -12.38 -2.51
N LEU A 141 6.05 -12.06 -3.35
CA LEU A 141 4.85 -11.39 -2.86
C LEU A 141 4.13 -12.33 -1.91
N GLN A 142 3.81 -11.78 -0.74
CA GLN A 142 3.07 -12.51 0.31
C GLN A 142 1.72 -11.86 0.49
N GLU A 143 0.78 -12.62 1.04
CA GLU A 143 -0.50 -12.05 1.37
C GLU A 143 -1.07 -12.66 2.64
N VAL A 144 -2.00 -11.94 3.27
CA VAL A 144 -2.54 -12.39 4.56
C VAL A 144 -3.97 -11.92 4.69
N LYS A 145 -4.81 -12.75 5.31
CA LYS A 145 -6.19 -12.40 5.60
C LYS A 145 -6.23 -11.81 7.02
N LEU A 146 -6.82 -10.63 7.15
CA LEU A 146 -6.84 -9.88 8.42
C LEU A 146 -8.26 -9.48 8.75
N ARG A 147 -8.54 -9.36 10.05
CA ARG A 147 -9.86 -8.97 10.45
C ARG A 147 -9.96 -7.45 10.54
N LEU A 148 -11.00 -6.88 9.94
N LEU A 148 -11.04 -6.90 9.99
CA LEU A 148 -11.32 -5.47 10.19
CA LEU A 148 -11.32 -5.50 10.14
C LEU A 148 -11.80 -5.37 11.62
C LEU A 148 -11.95 -5.20 11.52
N MET A 149 -11.28 -4.38 12.34
CA MET A 149 -11.59 -4.20 13.75
C MET A 149 -12.43 -2.98 14.02
N ASP A 150 -13.19 -3.04 15.12
CA ASP A 150 -13.84 -1.84 15.62
C ASP A 150 -12.76 -0.82 15.96
N PRO A 151 -13.06 0.48 15.79
CA PRO A 151 -12.00 1.49 15.95
C PRO A 151 -11.40 1.55 17.35
N GLN A 152 -12.14 1.12 18.38
CA GLN A 152 -11.55 1.13 19.72
C GLN A 152 -10.31 0.23 19.83
N ALA A 153 -10.18 -0.74 18.93
CA ALA A 153 -9.01 -1.62 18.94
C ALA A 153 -7.72 -0.86 18.59
N CYS A 154 -7.86 0.31 17.97
CA CYS A 154 -6.70 1.15 17.61
C CYS A 154 -6.61 2.43 18.43
N SER A 155 -7.33 2.50 19.55
CA SER A 155 -7.32 3.70 20.39
C SER A 155 -5.92 4.07 20.86
N HIS A 156 -5.09 3.06 21.10
CA HIS A 156 -3.72 3.28 21.60
C HIS A 156 -2.83 4.02 20.62
N PHE A 157 -3.19 4.05 19.35
CA PHE A 157 -2.57 4.97 18.39
C PHE A 157 -3.31 6.28 18.62
N ARG A 158 -2.67 7.18 19.36
CA ARG A 158 -3.42 8.32 19.87
C ARG A 158 -3.95 9.25 18.80
N ASP A 159 -3.33 9.23 17.60
CA ASP A 159 -3.78 10.03 16.47
C ASP A 159 -4.61 9.26 15.46
N PHE A 160 -4.99 8.04 15.80
CA PHE A 160 -5.94 7.29 14.94
C PHE A 160 -7.29 7.99 14.89
N ASP A 161 -7.94 7.96 13.73
CA ASP A 161 -9.30 8.46 13.63
C ASP A 161 -10.14 7.55 12.76
N HIS A 162 -11.29 7.12 13.27
CA HIS A 162 -12.16 6.16 12.59
C HIS A 162 -12.65 6.63 11.22
N ASN A 163 -12.88 7.91 11.06
N ASN A 163 -12.87 7.93 11.09
CA ASN A 163 -13.41 8.33 9.78
CA ASN A 163 -13.39 8.49 9.84
C ASN A 163 -12.31 8.40 8.72
C ASN A 163 -12.33 8.58 8.74
N LEU A 164 -11.06 8.55 9.15
CA LEU A 164 -9.94 8.67 8.23
C LEU A 164 -9.22 7.37 7.92
N GLN A 165 -9.38 6.41 8.81
CA GLN A 165 -8.52 5.23 8.86
C GLN A 165 -9.28 3.99 9.24
N LEU A 166 -8.74 2.85 8.79
CA LEU A 166 -9.21 1.51 9.19
C LEU A 166 -8.27 0.93 10.22
N CYS A 167 -8.83 0.13 11.12
CA CYS A 167 -8.06 -0.57 12.14
C CYS A 167 -8.05 -2.04 11.75
N VAL A 168 -6.89 -2.64 11.50
CA VAL A 168 -6.84 -3.91 10.78
C VAL A 168 -5.90 -4.90 11.45
N GLY A 169 -6.45 -6.06 11.79
CA GLY A 169 -5.69 -7.16 12.34
C GLY A 169 -6.08 -7.46 13.78
N ASN A 170 -6.64 -8.65 13.99
CA ASN A 170 -6.99 -9.11 15.33
C ASN A 170 -5.73 -9.14 16.22
N PRO A 171 -5.77 -8.47 17.39
CA PRO A 171 -4.60 -8.46 18.29
C PRO A 171 -4.23 -9.82 18.88
N ARG A 172 -5.13 -10.78 18.75
CA ARG A 172 -4.86 -12.14 19.22
C ARG A 172 -3.83 -12.86 18.38
N LYS A 173 -3.63 -12.39 17.14
CA LYS A 173 -2.78 -13.11 16.18
C LYS A 173 -1.52 -12.32 15.89
N THR A 174 -0.52 -12.97 15.27
CA THR A 174 0.64 -12.23 14.79
C THR A 174 0.44 -11.71 13.36
N LYS A 175 -0.58 -12.19 12.67
CA LYS A 175 -0.84 -11.79 11.28
C LYS A 175 -0.94 -10.28 11.17
N SER A 176 -0.18 -9.70 10.24
CA SER A 176 -0.20 -8.24 10.07
C SER A 176 0.57 -7.79 8.84
N ALA A 177 0.20 -6.63 8.32
CA ALA A 177 1.11 -5.87 7.46
C ALA A 177 2.27 -5.38 8.33
N PHE A 178 3.40 -5.11 7.70
CA PHE A 178 4.55 -4.59 8.45
C PHE A 178 5.42 -3.69 7.58
N LYS A 179 6.59 -3.29 8.10
CA LYS A 179 7.53 -2.45 7.38
C LYS A 179 7.82 -3.02 6.00
N GLY A 180 7.77 -2.17 4.97
CA GLY A 180 7.94 -2.61 3.60
C GLY A 180 6.64 -2.84 2.86
N ASP A 181 5.53 -2.95 3.60
CA ASP A 181 4.20 -3.14 3.01
C ASP A 181 3.41 -1.85 2.85
N SER A 182 3.94 -0.72 3.32
CA SER A 182 3.20 0.55 3.27
C SER A 182 2.75 0.86 1.86
N GLY A 183 1.54 1.39 1.74
CA GLY A 183 1.01 1.72 0.45
C GLY A 183 0.29 0.60 -0.22
N GLY A 184 0.44 -0.64 0.26
CA GLY A 184 -0.28 -1.77 -0.37
C GLY A 184 -1.77 -1.71 -0.07
N PRO A 185 -2.61 -2.21 -1.00
CA PRO A 185 -4.04 -2.19 -0.81
C PRO A 185 -4.59 -3.27 0.09
N LEU A 186 -5.62 -2.90 0.86
CA LEU A 186 -6.42 -3.85 1.59
C LEU A 186 -7.67 -4.07 0.76
N LEU A 187 -7.94 -5.33 0.42
CA LEU A 187 -9.12 -5.66 -0.37
C LEU A 187 -10.13 -6.42 0.45
N CYS A 188 -11.38 -5.99 0.35
CA CYS A 188 -12.46 -6.70 1.03
C CYS A 188 -13.40 -7.14 -0.07
N ALA A 189 -13.59 -8.45 -0.18
CA ALA A 189 -14.42 -9.01 -1.25
C ALA A 189 -13.97 -8.49 -2.63
N GLY A 190 -12.65 -8.38 -2.81
CA GLY A 190 -12.08 -7.99 -4.11
C GLY A 190 -12.06 -6.51 -4.42
N VAL A 191 -12.46 -5.68 -3.47
CA VAL A 191 -12.57 -4.23 -3.68
C VAL A 191 -11.61 -3.51 -2.72
N ALA A 192 -10.79 -2.60 -3.22
CA ALA A 192 -9.80 -1.89 -2.38
C ALA A 192 -10.52 -0.94 -1.42
N GLN A 193 -10.21 -1.09 -0.14
CA GLN A 193 -10.86 -0.28 0.92
C GLN A 193 -9.85 0.54 1.72
N GLY A 194 -8.58 0.17 1.66
CA GLY A 194 -7.58 0.83 2.48
C GLY A 194 -6.22 0.70 1.87
N ILE A 195 -5.26 1.48 2.35
N ILE A 195 -5.27 1.41 2.49
CA ILE A 195 -3.84 1.19 2.06
CA ILE A 195 -3.85 1.45 2.12
C ILE A 195 -3.08 1.18 3.38
C ILE A 195 -3.01 1.28 3.40
N VAL A 196 -2.06 0.36 3.43
CA VAL A 196 -1.24 0.20 4.62
C VAL A 196 -0.60 1.53 4.96
N SER A 197 -0.73 1.97 6.22
CA SER A 197 -0.11 3.23 6.65
C SER A 197 0.97 3.04 7.71
N TYR A 198 0.62 2.57 8.90
CA TYR A 198 1.61 2.43 9.98
C TYR A 198 1.14 1.48 11.04
N GLY A 199 2.03 1.15 11.95
CA GLY A 199 1.67 0.34 13.10
C GLY A 199 2.84 0.37 14.07
N ARG A 200 2.84 -0.56 15.00
CA ARG A 200 3.90 -0.65 16.02
C ARG A 200 5.19 -1.21 15.49
N SER A 201 6.30 -0.69 16.02
N SER A 201 6.30 -0.67 16.01
CA SER A 201 7.62 -1.19 15.67
CA SER A 201 7.62 -1.20 15.64
C SER A 201 7.84 -2.65 16.04
C SER A 201 7.78 -2.68 15.98
N ASP A 202 7.10 -3.13 17.03
CA ASP A 202 7.19 -4.53 17.47
C ASP A 202 6.19 -5.45 16.75
N ALA A 203 5.47 -4.88 15.78
CA ALA A 203 4.61 -5.61 14.86
C ALA A 203 3.33 -6.18 15.45
N LYS A 204 2.98 -5.83 16.70
CA LYS A 204 1.76 -6.37 17.32
C LYS A 204 0.54 -5.70 16.71
N PRO A 205 -0.37 -6.47 16.07
CA PRO A 205 -1.55 -5.85 15.44
C PRO A 205 -2.54 -5.37 16.50
N PRO A 206 -3.50 -4.52 16.12
CA PRO A 206 -3.79 -4.03 14.76
C PRO A 206 -2.84 -2.98 14.22
N ALA A 207 -2.90 -2.80 12.91
CA ALA A 207 -2.21 -1.70 12.23
C ALA A 207 -3.22 -0.72 11.67
N VAL A 208 -2.73 0.44 11.26
CA VAL A 208 -3.57 1.53 10.76
C VAL A 208 -3.45 1.63 9.25
N PHE A 209 -4.59 1.67 8.59
CA PHE A 209 -4.66 1.79 7.13
C PHE A 209 -5.40 3.09 6.80
N THR A 210 -5.00 3.78 5.73
CA THR A 210 -5.78 4.91 5.24
C THR A 210 -7.10 4.40 4.68
N ARG A 211 -8.21 5.06 5.05
CA ARG A 211 -9.55 4.72 4.54
C ARG A 211 -9.74 5.41 3.20
N ILE A 212 -9.59 4.67 2.09
CA ILE A 212 -9.45 5.36 0.79
C ILE A 212 -10.76 6.02 0.32
N SER A 213 -11.91 5.57 0.84
CA SER A 213 -13.19 6.21 0.49
C SER A 213 -13.17 7.70 0.78
N HIS A 214 -12.50 8.06 1.88
CA HIS A 214 -12.49 9.43 2.34
C HIS A 214 -11.74 10.31 1.32
N TYR A 215 -10.83 9.68 0.59
CA TYR A 215 -9.93 10.38 -0.31
C TYR A 215 -10.26 10.27 -1.80
N ARG A 216 -11.34 9.57 -2.13
CA ARG A 216 -11.66 9.37 -3.54
C ARG A 216 -11.94 10.69 -4.29
N PRO A 217 -12.63 11.66 -3.66
CA PRO A 217 -12.74 12.94 -4.37
C PRO A 217 -11.38 13.61 -4.67
N TRP A 218 -10.45 13.60 -3.72
CA TRP A 218 -9.12 14.14 -3.95
C TRP A 218 -8.39 13.38 -5.07
N ILE A 219 -8.45 12.06 -5.01
CA ILE A 219 -7.83 11.22 -6.05
C ILE A 219 -8.37 11.61 -7.43
N ASN A 220 -9.69 11.72 -7.51
CA ASN A 220 -10.29 12.11 -8.79
C ASN A 220 -9.86 13.49 -9.27
N GLN A 221 -9.69 14.44 -8.35
N GLN A 221 -9.73 14.44 -8.34
CA GLN A 221 -9.21 15.79 -8.72
CA GLN A 221 -9.22 15.76 -8.66
C GLN A 221 -7.78 15.79 -9.27
C GLN A 221 -7.86 15.65 -9.35
N ILE A 222 -6.92 14.94 -8.72
CA ILE A 222 -5.56 14.81 -9.25
C ILE A 222 -5.60 14.15 -10.62
N LEU A 223 -6.35 13.06 -10.74
CA LEU A 223 -6.43 12.32 -12.01
C LEU A 223 -6.92 13.22 -13.15
N GLN A 224 -7.95 14.02 -12.87
CA GLN A 224 -8.52 14.90 -13.91
C GLN A 224 -7.63 16.08 -14.29
N ALA A 225 -6.82 16.57 -13.36
CA ALA A 225 -5.94 17.71 -13.62
C ALA A 225 -4.63 17.30 -14.27
N ASN A 226 -4.37 16.00 -14.35
CA ASN A 226 -3.05 15.53 -14.75
C ASN A 226 -3.08 14.46 -15.81
ZN ZN B . 6.36 -14.62 -13.72
C1 A1AO3 C . 7.97 2.23 7.92
C2 A1AO3 C . 6.08 1.31 9.41
C3 A1AO3 C . 9.31 2.28 7.70
C4 A1AO3 C . 9.24 2.12 6.18
C5 A1AO3 C . 7.73 2.08 6.49
C10 A1AO3 C . 4.21 -0.31 9.17
C12 A1AO3 C . 9.57 3.33 5.33
C14 A1AO3 C . 6.60 3.81 9.14
C18 A1AO3 C . 3.21 -2.09 11.05
C23 A1AO3 C . 7.52 4.86 9.32
C28 A1AO3 C . 10.06 5.68 5.09
O15 A1AO3 C . 10.36 2.41 8.53
C17 A1AO3 C . 9.88 0.83 5.64
C22 A1AO3 C . 9.61 3.18 3.94
C27 A1AO3 C . 9.89 4.27 3.11
C31 A1AO3 C . 10.11 5.51 3.70
C21 A1AO3 C . 9.78 4.59 5.90
O11 A1AO3 C . 6.75 1.98 5.76
C7 A1AO3 C . 7.12 2.37 9.16
C24 A1AO3 C . 5.27 4.18 8.85
C29 A1AO3 C . 4.89 5.52 8.82
C30 A1AO3 C . 5.82 6.55 9.03
C26 A1AO3 C . 7.14 6.21 9.28
C8 A1AO3 C . 5.86 0.58 10.55
C19 A1AO3 C . 6.62 0.66 11.87
C9 A1AO3 C . 4.79 -0.36 10.43
C13 A1AO3 C . 4.29 -1.28 11.41
C25 A1AO3 C . 2.67 -3.06 12.04
C20 A1AO3 C . 2.62 -2.02 9.77
C16 A1AO3 C . 3.11 -1.14 8.82
S6 A1AO3 C . 4.98 0.83 8.13
#